data_9GGT
#
_entry.id   9GGT
#
_cell.length_a   37.340
_cell.length_b   40.870
_cell.length_c   112.060
_cell.angle_alpha   90.000
_cell.angle_beta   90.000
_cell.angle_gamma   90.000
#
_symmetry.space_group_name_H-M   'P 21 21 21'
#
loop_
_entity.id
_entity.type
_entity.pdbx_description
1 polymer 'GTPase KRas'
2 non-polymer "GUANOSINE-5'-DIPHOSPHATE"
3 non-polymer 'MAGNESIUM ION'
4 non-polymer N-(7-chloro-1,3-benzothiazol-2-yl)-3-hydroxy-benzenesulfonamide
5 non-polymer 1,2-ETHANEDIOL
6 water water
#
_entity_poly.entity_id   1
_entity_poly.type   'polypeptide(L)'
_entity_poly.pdbx_seq_one_letter_code
;GGSMTEYKLVVVGAGGVGKSALTIQLIQNHFVDEYDPTIEDSYRKQVVIDGETCLLDILDTAGQEEYSAMRDQYMRTGEG
FLCVFAINNTKSFEDIHHYREQIKRVKDSEDVPMVLVGNKSDLPSRTVDTKQAQDLARSYGIPFIETSAKTRQRVEDAFY
TLVREIRQYRLK
;
_entity_poly.pdbx_strand_id   A
#
loop_
_chem_comp.id
_chem_comp.type
_chem_comp.name
_chem_comp.formula
A1IK7 non-polymer N-(7-chloro-1,3-benzothiazol-2-yl)-3-hydroxy-benzenesulfonamide 'C13 H9 Cl N2 O3 S2'
EDO non-polymer 1,2-ETHANEDIOL 'C2 H6 O2'
GDP RNA linking GUANOSINE-5'-DIPHOSPHATE 'C10 H15 N5 O11 P2'
MG non-polymer 'MAGNESIUM ION' 'Mg 2'
#
# COMPACT_ATOMS: atom_id res chain seq x y z
N SER A 3 -17.55 -15.55 13.07
CA SER A 3 -17.75 -15.25 11.64
C SER A 3 -16.93 -14.02 11.24
N MET A 4 -15.67 -14.24 10.86
CA MET A 4 -14.68 -13.19 10.52
C MET A 4 -13.55 -13.81 9.70
N THR A 5 -12.93 -13.02 8.82
CA THR A 5 -11.84 -13.52 7.96
C THR A 5 -10.66 -12.58 8.13
N GLU A 6 -9.46 -13.13 8.25
CA GLU A 6 -8.28 -12.28 8.46
C GLU A 6 -7.58 -11.93 7.16
N TYR A 7 -6.97 -10.75 7.10
CA TYR A 7 -6.14 -10.30 5.96
C TYR A 7 -4.90 -9.58 6.45
N LYS A 8 -3.72 -10.00 5.97
CA LYS A 8 -2.43 -9.39 6.37
C LYS A 8 -1.95 -8.44 5.29
N LEU A 9 -1.96 -7.14 5.60
CA LEU A 9 -1.61 -6.09 4.64
C LEU A 9 -0.28 -5.45 4.98
N VAL A 10 0.48 -5.08 3.96
CA VAL A 10 1.80 -4.43 4.15
C VAL A 10 1.89 -3.19 3.27
N VAL A 11 2.25 -2.06 3.88
CA VAL A 11 2.33 -0.77 3.21
C VAL A 11 3.79 -0.46 2.96
N VAL A 12 4.15 -0.41 1.68
CA VAL A 12 5.55 -0.16 1.26
C VAL A 12 5.64 1.08 0.37
N GLY A 13 6.85 1.62 0.25
CA GLY A 13 7.10 2.77 -0.63
C GLY A 13 8.27 3.58 -0.11
N ALA A 14 8.77 4.50 -0.91
CA ALA A 14 9.91 5.30 -0.46
C ALA A 14 9.62 6.16 0.78
N GLY A 15 10.69 6.52 1.47
CA GLY A 15 10.56 7.48 2.57
C GLY A 15 9.84 8.77 2.14
N GLY A 16 8.91 9.20 2.96
CA GLY A 16 8.19 10.45 2.78
C GLY A 16 6.97 10.42 1.86
N VAL A 17 6.64 9.26 1.31
CA VAL A 17 5.45 9.16 0.43
C VAL A 17 4.09 9.25 1.15
N GLY A 18 4.06 8.92 2.44
CA GLY A 18 2.84 8.94 3.23
C GLY A 18 2.32 7.58 3.71
N LYS A 19 3.20 6.57 3.85
CA LYS A 19 2.81 5.24 4.40
C LYS A 19 2.16 5.35 5.77
N SER A 20 2.84 6.05 6.67
CA SER A 20 2.36 6.27 8.02
C SER A 20 1.10 7.10 8.04
N ALA A 21 1.09 8.21 7.29
CA ALA A 21 -0.08 9.09 7.25
C ALA A 21 -1.35 8.35 6.78
N LEU A 22 -1.22 7.53 5.74
CA LEU A 22 -2.35 6.70 5.25
C LEU A 22 -2.84 5.73 6.33
N THR A 23 -1.90 4.99 6.89
CA THR A 23 -2.25 3.94 7.88
C THR A 23 -2.92 4.59 9.11
N ILE A 24 -2.33 5.65 9.61
CA ILE A 24 -2.86 6.33 10.82
C ILE A 24 -4.24 6.94 10.53
N GLN A 25 -4.44 7.49 9.34
CA GLN A 25 -5.78 7.99 8.99
C GLN A 25 -6.79 6.83 9.03
N LEU A 26 -6.47 5.71 8.42
CA LEU A 26 -7.42 4.58 8.41
C LEU A 26 -7.81 4.15 9.85
N ILE A 27 -6.80 4.02 10.69
CA ILE A 27 -6.97 3.50 12.08
C ILE A 27 -7.45 4.55 13.08
N GLN A 28 -6.84 5.74 13.07
CA GLN A 28 -7.13 6.73 14.13
C GLN A 28 -7.86 7.98 13.68
N ASN A 29 -8.14 8.13 12.38
CA ASN A 29 -8.96 9.28 11.92
C ASN A 29 -8.36 10.66 12.27
N HIS A 30 -7.08 10.84 11.99
CA HIS A 30 -6.37 12.15 12.08
C HIS A 30 -5.19 12.13 11.10
N PHE A 31 -4.65 13.30 10.78
CA PHE A 31 -3.53 13.43 9.82
C PHE A 31 -2.26 13.76 10.60
N VAL A 32 -1.26 12.90 10.48
CA VAL A 32 0.03 13.20 11.17
C VAL A 32 0.94 13.95 10.21
N ASP A 33 1.54 15.03 10.71
CA ASP A 33 2.41 15.90 9.88
C ASP A 33 3.89 15.58 10.01
N GLU A 34 4.34 15.10 11.16
CA GLU A 34 5.80 14.94 11.28
C GLU A 34 6.14 13.59 11.88
N TYR A 35 5.56 12.53 11.38
CA TYR A 35 5.67 11.23 12.05
C TYR A 35 7.07 10.65 11.88
N ASP A 36 7.74 10.37 13.00
CA ASP A 36 9.08 9.80 13.00
C ASP A 36 9.16 8.75 11.90
N PRO A 37 10.10 8.91 10.95
CA PRO A 37 10.12 8.02 9.78
C PRO A 37 10.73 6.65 10.04
N THR A 38 11.26 6.43 11.24
CA THR A 38 11.84 5.13 11.59
C THR A 38 10.85 4.20 12.35
N ILE A 39 9.66 4.72 12.70
CA ILE A 39 8.73 3.94 13.54
C ILE A 39 8.01 2.94 12.65
N GLU A 40 8.07 1.67 13.02
CA GLU A 40 7.47 0.58 12.22
C GLU A 40 6.57 -0.20 13.15
N ASP A 41 5.26 -0.08 12.95
CA ASP A 41 4.29 -0.73 13.86
C ASP A 41 3.20 -1.42 13.03
N SER A 42 2.53 -2.37 13.66
CA SER A 42 1.36 -3.03 13.03
C SER A 42 0.11 -2.56 13.79
N TYR A 43 -1.00 -2.54 13.09
CA TYR A 43 -2.30 -2.12 13.63
C TYR A 43 -3.34 -3.15 13.21
N ARG A 44 -4.25 -3.48 14.10
CA ARG A 44 -5.38 -4.33 13.74
C ARG A 44 -6.66 -3.48 13.67
N LYS A 45 -7.52 -3.78 12.70
CA LYS A 45 -8.81 -3.11 12.60
C LYS A 45 -9.86 -4.04 12.03
N GLN A 46 -11.04 -4.05 12.64
CA GLN A 46 -12.17 -4.88 12.14
C GLN A 46 -13.14 -4.01 11.35
N VAL A 47 -13.46 -4.38 10.12
CA VAL A 47 -14.31 -3.63 9.19
C VAL A 47 -15.23 -4.61 8.42
N VAL A 48 -16.30 -4.08 7.82
CA VAL A 48 -17.21 -4.91 7.00
C VAL A 48 -17.02 -4.47 5.55
N ILE A 49 -16.60 -5.43 4.71
CA ILE A 49 -16.38 -5.23 3.27
C ILE A 49 -17.16 -6.31 2.51
N ASP A 50 -18.12 -5.92 1.66
CA ASP A 50 -18.96 -6.87 0.87
C ASP A 50 -19.70 -7.92 1.72
N GLY A 51 -20.17 -7.46 2.88
CA GLY A 51 -20.94 -8.30 3.79
C GLY A 51 -20.11 -9.20 4.66
N GLU A 52 -18.79 -9.10 4.55
CA GLU A 52 -17.87 -9.95 5.34
C GLU A 52 -17.22 -9.15 6.48
N THR A 53 -17.32 -9.62 7.71
CA THR A 53 -16.56 -8.99 8.81
C THR A 53 -15.11 -9.40 8.64
N CYS A 54 -14.21 -8.43 8.41
CA CYS A 54 -12.79 -8.71 8.12
C CYS A 54 -11.90 -8.16 9.26
N LEU A 55 -10.90 -8.93 9.69
CA LEU A 55 -9.87 -8.43 10.61
C LEU A 55 -8.60 -8.10 9.78
N LEU A 56 -8.28 -6.81 9.67
CA LEU A 56 -7.12 -6.32 8.93
C LEU A 56 -5.94 -6.22 9.90
N ASP A 57 -4.84 -6.83 9.54
CA ASP A 57 -3.58 -6.66 10.31
C ASP A 57 -2.65 -5.93 9.37
N ILE A 58 -2.34 -4.67 9.69
CA ILE A 58 -1.65 -3.80 8.73
C ILE A 58 -0.25 -3.43 9.25
N LEU A 59 0.78 -3.67 8.45
CA LEU A 59 2.16 -3.29 8.80
C LEU A 59 2.61 -2.04 8.07
N ASP A 60 2.85 -0.99 8.84
CA ASP A 60 3.36 0.28 8.34
C ASP A 60 4.87 0.25 8.39
N THR A 61 5.49 -0.01 7.23
CA THR A 61 6.92 -0.26 7.19
C THR A 61 7.72 1.04 7.26
N ALA A 62 8.84 0.99 7.97
CA ALA A 62 9.76 2.14 8.11
C ALA A 62 10.92 1.99 7.14
N GLY A 63 11.95 1.24 7.52
CA GLY A 63 13.11 1.12 6.64
C GLY A 63 12.80 0.42 5.34
N GLN A 64 13.33 0.91 4.22
CA GLN A 64 13.04 0.21 2.94
C GLN A 64 14.32 -0.45 2.42
N GLU A 65 15.22 -0.85 3.31
CA GLU A 65 16.58 -1.33 2.88
C GLU A 65 16.56 -2.61 2.05
N GLU A 66 17.43 -2.68 1.04
CA GLU A 66 17.54 -3.87 0.17
C GLU A 66 17.91 -5.08 1.02
N TYR A 67 18.99 -4.99 1.82
CA TYR A 67 19.37 -6.11 2.67
C TYR A 67 18.81 -5.97 4.08
N SER A 68 17.74 -6.73 4.35
CA SER A 68 17.11 -6.78 5.66
C SER A 68 16.35 -8.11 5.88
N ALA A 69 16.87 -8.95 6.79
CA ALA A 69 16.17 -10.19 7.15
C ALA A 69 14.71 -9.94 7.59
N MET A 70 14.47 -8.86 8.31
CA MET A 70 13.11 -8.58 8.82
C MET A 70 12.19 -8.23 7.64
N ARG A 71 12.71 -7.50 6.68
CA ARG A 71 11.93 -7.17 5.46
C ARG A 71 11.62 -8.47 4.71
N ASP A 72 12.57 -9.37 4.63
CA ASP A 72 12.28 -10.65 3.95
C ASP A 72 11.19 -11.42 4.70
N GLN A 73 11.23 -11.38 6.03
CA GLN A 73 10.21 -12.07 6.82
C GLN A 73 8.82 -11.45 6.61
N TYR A 74 8.70 -10.12 6.63
CA TYR A 74 7.35 -9.57 6.42
C TYR A 74 6.84 -9.64 4.97
N MET A 75 7.73 -9.75 4.00
CA MET A 75 7.24 -10.03 2.66
C MET A 75 6.74 -11.48 2.55
N ARG A 76 7.41 -12.41 3.23
CA ARG A 76 6.89 -13.79 3.36
C ARG A 76 5.53 -13.88 4.07
N THR A 77 5.40 -13.16 5.17
CA THR A 77 4.18 -13.20 5.98
C THR A 77 2.98 -12.44 5.37
N GLY A 78 3.25 -11.33 4.68
CA GLY A 78 2.16 -10.47 4.20
C GLY A 78 1.40 -11.09 3.05
N GLU A 79 0.11 -10.82 2.99
CA GLU A 79 -0.75 -11.38 1.93
C GLU A 79 -0.98 -10.43 0.76
N GLY A 80 -1.14 -9.13 1.04
CA GLY A 80 -1.23 -8.12 0.00
C GLY A 80 -0.42 -6.87 0.33
N PHE A 81 -0.04 -6.19 -0.74
CA PHE A 81 0.94 -5.07 -0.69
C PHE A 81 0.36 -3.79 -1.28
N LEU A 82 0.34 -2.76 -0.44
CA LEU A 82 -0.07 -1.41 -0.84
C LEU A 82 1.22 -0.74 -1.29
N CYS A 83 1.33 -0.50 -2.58
CA CYS A 83 2.57 0.08 -3.15
C CYS A 83 2.34 1.57 -3.35
N VAL A 84 3.03 2.36 -2.53
CA VAL A 84 2.76 3.83 -2.48
C VAL A 84 3.89 4.71 -3.05
N PHE A 85 3.49 5.62 -3.94
CA PHE A 85 4.34 6.74 -4.45
C PHE A 85 3.56 8.04 -4.19
N ALA A 86 4.26 9.16 -4.24
CA ALA A 86 3.67 10.50 -4.08
C ALA A 86 3.57 11.17 -5.44
N ILE A 87 2.44 11.80 -5.76
CA ILE A 87 2.26 12.30 -7.12
C ILE A 87 3.15 13.51 -7.48
N ASN A 88 3.84 14.05 -6.48
CA ASN A 88 4.84 15.14 -6.67
C ASN A 88 6.30 14.69 -6.54
N ASN A 89 6.56 13.39 -6.65
CA ASN A 89 7.92 12.85 -6.43
C ASN A 89 8.13 11.76 -7.47
N THR A 90 8.68 12.15 -8.61
CA THR A 90 8.94 11.23 -9.70
C THR A 90 9.86 10.05 -9.29
N LYS A 91 10.88 10.31 -8.48
CA LYS A 91 11.75 9.24 -7.99
C LYS A 91 10.98 8.12 -7.28
N SER A 92 10.02 8.51 -6.44
CA SER A 92 9.17 7.56 -5.71
C SER A 92 8.32 6.69 -6.64
N PHE A 93 7.91 7.24 -7.79
CA PHE A 93 7.14 6.47 -8.78
C PHE A 93 8.07 5.49 -9.52
N GLU A 94 9.30 5.93 -9.78
CA GLU A 94 10.35 5.07 -10.36
C GLU A 94 10.82 3.97 -9.42
N ASP A 95 10.75 4.22 -8.11
CA ASP A 95 11.06 3.18 -7.11
C ASP A 95 10.09 1.97 -7.16
N ILE A 96 8.85 2.17 -7.64
CA ILE A 96 7.77 1.16 -7.51
C ILE A 96 8.18 -0.18 -8.10
N HIS A 97 8.83 -0.12 -9.26
CA HIS A 97 9.25 -1.30 -9.98
C HIS A 97 10.11 -2.20 -9.07
N HIS A 98 11.00 -1.61 -8.29
CA HIS A 98 11.90 -2.37 -7.42
C HIS A 98 11.19 -3.09 -6.26
N TYR A 99 10.21 -2.41 -5.65
CA TYR A 99 9.34 -3.08 -4.65
C TYR A 99 8.58 -4.28 -5.23
N ARG A 100 7.99 -4.10 -6.40
CA ARG A 100 7.27 -5.21 -7.02
C ARG A 100 8.18 -6.41 -7.35
N GLU A 101 9.37 -6.14 -7.87
CA GLU A 101 10.36 -7.19 -8.15
C GLU A 101 10.88 -7.90 -6.89
N GLN A 102 11.05 -7.14 -5.80
CA GLN A 102 11.43 -7.70 -4.49
C GLN A 102 10.35 -8.66 -3.97
N ILE A 103 9.10 -8.24 -4.03
CA ILE A 103 7.99 -9.04 -3.47
C ILE A 103 7.83 -10.34 -4.29
N LYS A 104 7.91 -10.22 -5.62
CA LYS A 104 7.82 -11.39 -6.52
C LYS A 104 8.88 -12.43 -6.29
N ARG A 105 10.13 -11.95 -6.11
CA ARG A 105 11.25 -12.77 -5.70
C ARG A 105 11.00 -13.57 -4.41
N VAL A 106 10.62 -12.88 -3.35
CA VAL A 106 10.32 -13.51 -2.06
C VAL A 106 9.17 -14.55 -2.20
N LYS A 107 8.10 -14.20 -2.91
CA LYS A 107 6.95 -15.12 -3.06
C LYS A 107 7.22 -16.21 -4.10
N ASP A 108 8.26 -16.05 -4.93
CA ASP A 108 8.53 -16.97 -6.05
C ASP A 108 7.24 -17.07 -6.87
N SER A 109 6.56 -15.94 -7.12
CA SER A 109 5.23 -16.06 -7.78
C SER A 109 4.87 -14.82 -8.60
N GLU A 110 4.00 -14.99 -9.60
CA GLU A 110 3.41 -13.87 -10.38
C GLU A 110 2.11 -13.47 -9.70
N ASP A 111 1.54 -14.43 -9.02
CA ASP A 111 0.27 -14.22 -8.32
C ASP A 111 0.61 -13.41 -7.09
N VAL A 112 0.68 -12.06 -7.17
CA VAL A 112 0.83 -11.29 -5.90
C VAL A 112 -0.24 -10.17 -5.75
N PRO A 113 -1.10 -10.21 -4.71
CA PRO A 113 -2.06 -9.13 -4.49
C PRO A 113 -1.33 -7.81 -4.22
N MET A 114 -1.68 -6.79 -5.03
CA MET A 114 -1.05 -5.45 -4.97
C MET A 114 -2.02 -4.37 -5.47
N VAL A 115 -1.96 -3.20 -4.85
CA VAL A 115 -2.66 -2.02 -5.32
C VAL A 115 -1.59 -0.91 -5.43
N LEU A 116 -1.57 -0.23 -6.57
CA LEU A 116 -0.71 0.97 -6.75
C LEU A 116 -1.45 2.19 -6.22
N VAL A 117 -0.79 2.94 -5.32
CA VAL A 117 -1.39 4.12 -4.68
C VAL A 117 -0.55 5.35 -5.00
N GLY A 118 -1.15 6.32 -5.66
CA GLY A 118 -0.57 7.68 -5.83
C GLY A 118 -1.12 8.59 -4.74
N ASN A 119 -0.34 8.81 -3.69
CA ASN A 119 -0.78 9.65 -2.59
C ASN A 119 -0.37 11.14 -2.77
N LYS A 120 -0.88 11.97 -1.86
CA LYS A 120 -0.75 13.42 -1.90
C LYS A 120 -1.49 14.09 -3.05
N SER A 121 -2.64 13.51 -3.43
CA SER A 121 -3.52 14.05 -4.49
C SER A 121 -4.05 15.49 -4.25
N ASP A 122 -4.07 15.91 -2.98
CA ASP A 122 -4.36 17.31 -2.59
C ASP A 122 -3.33 18.37 -3.00
N LEU A 123 -2.12 17.95 -3.39
CA LEU A 123 -1.08 18.91 -3.74
C LEU A 123 -1.17 19.31 -5.22
N PRO A 124 -1.17 20.61 -5.50
CA PRO A 124 -1.47 21.07 -6.87
C PRO A 124 -0.33 20.88 -7.89
N SER A 125 0.94 20.84 -7.45
CA SER A 125 2.08 20.70 -8.40
C SER A 125 2.48 19.22 -8.63
N ARG A 126 1.66 18.53 -9.38
CA ARG A 126 1.85 17.10 -9.75
C ARG A 126 3.05 16.94 -10.68
N THR A 127 3.85 15.87 -10.50
CA THR A 127 4.98 15.55 -11.40
C THR A 127 4.74 14.20 -12.10
N VAL A 128 3.87 13.36 -11.54
CA VAL A 128 3.53 12.08 -12.19
C VAL A 128 2.13 12.14 -12.80
N ASP A 129 2.08 12.07 -14.13
CA ASP A 129 0.85 12.08 -14.88
C ASP A 129 0.01 10.88 -14.51
N THR A 130 -1.27 11.10 -14.22
CA THR A 130 -2.23 10.01 -13.98
C THR A 130 -2.21 8.96 -15.11
N LYS A 131 -2.03 9.40 -16.36
CA LYS A 131 -1.96 8.48 -17.50
C LYS A 131 -0.81 7.48 -17.36
N GLN A 132 0.33 7.98 -16.90
CA GLN A 132 1.50 7.14 -16.72
C GLN A 132 1.29 6.12 -15.61
N ALA A 133 0.65 6.54 -14.53
CA ALA A 133 0.44 5.68 -13.39
C ALA A 133 -0.58 4.59 -13.76
N GLN A 134 -1.60 4.97 -14.53
CA GLN A 134 -2.57 3.97 -15.04
C GLN A 134 -1.92 2.96 -15.95
N ASP A 135 -1.03 3.44 -16.83
N ASP A 135 -1.04 3.46 -16.83
CA ASP A 135 -0.35 2.51 -17.73
CA ASP A 135 -0.27 2.60 -17.72
C ASP A 135 0.57 1.56 -16.97
C ASP A 135 0.55 1.57 -16.95
N LEU A 136 1.24 2.01 -15.91
CA LEU A 136 2.08 1.10 -15.12
C LEU A 136 1.21 0.02 -14.44
N ALA A 137 0.14 0.47 -13.76
CA ALA A 137 -0.83 -0.45 -13.13
C ALA A 137 -1.41 -1.46 -14.13
N ARG A 138 -1.75 -0.98 -15.33
CA ARG A 138 -2.19 -1.87 -16.42
C ARG A 138 -1.11 -2.91 -16.76
N SER A 139 0.15 -2.49 -16.88
CA SER A 139 1.24 -3.44 -17.23
C SER A 139 1.46 -4.53 -16.15
N TYR A 140 1.13 -4.21 -14.90
CA TYR A 140 1.18 -5.17 -13.78
C TYR A 140 -0.10 -5.97 -13.58
N GLY A 141 -1.20 -5.52 -14.18
CA GLY A 141 -2.50 -6.13 -13.96
C GLY A 141 -3.01 -5.93 -12.54
N ILE A 142 -2.85 -4.69 -12.03
CA ILE A 142 -3.28 -4.33 -10.68
C ILE A 142 -4.11 -3.05 -10.68
N PRO A 143 -4.91 -2.83 -9.62
CA PRO A 143 -5.66 -1.57 -9.54
C PRO A 143 -4.75 -0.37 -9.30
N PHE A 144 -5.27 0.83 -9.63
CA PHE A 144 -4.56 2.10 -9.37
C PHE A 144 -5.54 3.11 -8.77
N ILE A 145 -5.17 3.62 -7.60
CA ILE A 145 -5.96 4.64 -6.83
C ILE A 145 -5.09 5.82 -6.38
N GLU A 146 -5.58 7.04 -6.59
CA GLU A 146 -4.93 8.23 -6.01
C GLU A 146 -5.62 8.58 -4.68
N THR A 147 -4.83 8.84 -3.66
CA THR A 147 -5.38 9.12 -2.33
C THR A 147 -4.82 10.42 -1.75
N SER A 148 -5.54 10.98 -0.78
CA SER A 148 -4.99 12.06 0.07
C SER A 148 -5.07 11.64 1.56
N ALA A 149 -3.93 11.41 2.20
CA ALA A 149 -3.99 11.12 3.66
C ALA A 149 -4.38 12.41 4.39
N LYS A 150 -4.16 13.56 3.76
CA LYS A 150 -4.46 14.85 4.41
C LYS A 150 -5.95 15.10 4.49
N THR A 151 -6.63 14.94 3.36
CA THR A 151 -8.09 15.13 3.30
C THR A 151 -8.92 13.84 3.48
N ARG A 152 -8.25 12.69 3.57
CA ARG A 152 -8.84 11.34 3.75
C ARG A 152 -9.50 10.81 2.45
N GLN A 153 -9.12 11.38 1.32
CA GLN A 153 -9.70 10.99 0.01
C GLN A 153 -9.21 9.60 -0.40
N ARG A 154 -10.16 8.68 -0.51
CA ARG A 154 -9.95 7.29 -0.99
C ARG A 154 -9.03 6.47 -0.07
N VAL A 155 -8.91 6.83 1.20
CA VAL A 155 -8.01 6.04 2.09
C VAL A 155 -8.67 4.68 2.40
N GLU A 156 -9.93 4.69 2.79
CA GLU A 156 -10.63 3.42 3.03
C GLU A 156 -10.67 2.58 1.74
N ASP A 157 -11.09 3.25 0.66
CA ASP A 157 -11.01 2.69 -0.69
C ASP A 157 -9.73 1.89 -1.04
N ALA A 158 -8.55 2.48 -0.81
CA ALA A 158 -7.28 1.85 -1.16
C ALA A 158 -7.05 0.53 -0.40
N PHE A 159 -7.28 0.56 0.91
CA PHE A 159 -7.10 -0.64 1.75
C PHE A 159 -8.15 -1.70 1.43
N TYR A 160 -9.39 -1.27 1.23
CA TYR A 160 -10.46 -2.24 1.00
C TYR A 160 -10.33 -2.87 -0.39
N THR A 161 -9.82 -2.11 -1.36
CA THR A 161 -9.52 -2.62 -2.68
C THR A 161 -8.46 -3.74 -2.60
N LEU A 162 -7.46 -3.55 -1.76
CA LEU A 162 -6.46 -4.57 -1.56
C LEU A 162 -7.00 -5.85 -0.93
N VAL A 163 -7.87 -5.72 0.08
CA VAL A 163 -8.64 -6.86 0.60
C VAL A 163 -9.37 -7.65 -0.49
N ARG A 164 -10.10 -6.94 -1.34
CA ARG A 164 -10.85 -7.59 -2.42
C ARG A 164 -9.89 -8.36 -3.36
N GLU A 165 -8.71 -7.80 -3.62
CA GLU A 165 -7.67 -8.50 -4.42
C GLU A 165 -7.19 -9.81 -3.77
N ILE A 166 -6.85 -9.77 -2.49
CA ILE A 166 -6.49 -10.98 -1.74
C ILE A 166 -7.63 -12.02 -1.80
N ARG A 167 -8.85 -11.59 -1.52
CA ARG A 167 -10.01 -12.50 -1.52
C ARG A 167 -10.18 -13.25 -2.87
N GLN A 168 -10.03 -12.51 -3.97
CA GLN A 168 -10.09 -13.08 -5.30
C GLN A 168 -8.94 -14.04 -5.61
N TYR A 169 -7.71 -13.67 -5.24
CA TYR A 169 -6.56 -14.56 -5.48
C TYR A 169 -6.72 -15.89 -4.74
N ARG A 170 -7.32 -15.87 -3.55
CA ARG A 170 -7.61 -17.13 -2.81
C ARG A 170 -8.50 -18.12 -3.57
N LEU A 171 -9.38 -17.64 -4.45
CA LEU A 171 -10.20 -18.53 -5.30
C LEU A 171 -9.52 -19.03 -6.61
N LYS A 172 -8.25 -18.69 -6.81
CA LYS A 172 -7.44 -19.04 -8.01
C LYS A 172 -6.24 -19.95 -7.66
PB GDP B . 6.34 7.73 5.23
O1B GDP B . 5.69 7.07 6.41
O2B GDP B . 5.98 7.17 3.89
O3B GDP B . 7.82 8.01 5.43
O3A GDP B . 5.65 9.22 5.14
PA GDP B . 4.76 10.02 6.24
O1A GDP B . 3.42 9.37 6.31
O2A GDP B . 5.54 10.19 7.52
O5' GDP B . 4.57 11.45 5.50
C5' GDP B . 5.71 12.22 5.10
C4' GDP B . 5.37 13.70 5.04
O4' GDP B . 4.43 13.88 3.97
C3' GDP B . 4.74 14.24 6.30
O3' GDP B . 5.15 15.60 6.50
C2' GDP B . 3.25 14.09 6.02
O2' GDP B . 2.36 14.97 6.76
C1' GDP B . 3.22 14.37 4.52
N9 GDP B . 2.06 13.72 3.87
C8 GDP B . 1.71 12.41 3.91
N7 GDP B . 0.60 12.19 3.20
C5 GDP B . 0.21 13.36 2.66
C6 GDP B . -0.90 13.82 1.80
O6 GDP B . -1.78 13.03 1.36
N1 GDP B . -0.92 15.12 1.49
C2 GDP B . -0.01 15.99 1.92
N2 GDP B . -0.12 17.29 1.57
N3 GDP B . 1.05 15.65 2.71
C4 GDP B . 1.18 14.36 3.12
MG MG C . 6.51 6.18 8.26
NAL A1IK7 D . 3.14 -8.16 11.98
CAM A1IK7 D . 2.44 -7.99 10.83
CAN A1IK7 D . 1.20 -7.41 10.62
CAO A1IK7 D . 0.65 -7.32 9.34
CAP A1IK7 D . 1.33 -7.82 8.23
CAQ A1IK7 D . 2.58 -8.41 8.43
CLAR A1IK7 D . 3.49 -9.01 7.09
CAT A1IK7 D . 3.13 -8.48 9.69
SAU A1IK7 D . 4.65 -9.16 10.21
CAK A1IK7 D . 4.34 -8.77 11.87
NAJ A1IK7 D . 5.17 -9.05 12.86
SAB A1IK7 D . 6.66 -9.67 12.58
OAA A1IK7 D . 7.25 -10.10 13.90
OAC A1IK7 D . 6.62 -10.84 11.63
CAI A1IK7 D . 7.67 -8.40 11.92
CAS A1IK7 D . 7.42 -7.07 12.26
CAE A1IK7 D . 8.21 -6.04 11.76
OAD A1IK7 D . 7.95 -4.75 12.11
CAF A1IK7 D . 9.27 -6.35 10.90
CAG A1IK7 D . 9.53 -7.69 10.55
CAH A1IK7 D . 8.73 -8.71 11.06
C1 EDO E . -19.45 -2.46 0.69
O1 EDO E . -18.54 -3.34 1.36
C2 EDO E . -20.34 -3.27 -0.26
O2 EDO E . -21.04 -4.18 0.46
#